data_7NML
#
_entry.id   7NML
#
_cell.length_a   43.319
_cell.length_b   58.475
_cell.length_c   112.040
_cell.angle_alpha   90.000
_cell.angle_beta   90.000
_cell.angle_gamma   90.000
#
_symmetry.space_group_name_H-M   'P 21 21 21'
#
loop_
_entity.id
_entity.type
_entity.pdbx_description
1 polymer Galectin-1
2 non-polymer 'DIMETHYL SULFOXIDE'
3 non-polymer 4-AMINO-6-CHLOROBENZENE-1,3-DISULFONAMIDE
4 water water
#
_entity_poly.entity_id   1
_entity_poly.type   'polypeptide(L)'
_entity_poly.pdbx_seq_one_letter_code
;CGLVASNLNLKPGE(CME)LRVRGEVAPDAKSFVLNLGKDSNNLCLHFNPRFNAHGDANTIVCNSKDGGAWGTEQREAVF
PFQPGSVAEV(CME)ITFDQANLTVKLPDGYEFKFPNRLNLEAINYMAADGDFKIK(CME)VAFD
;
_entity_poly.pdbx_strand_id   A,B
#
# COMPACT_ATOMS: atom_id res chain seq x y z
N CYS A 1 6.52 -4.33 -13.11
CA CYS A 1 6.87 -3.65 -11.86
C CYS A 1 5.87 -3.99 -10.76
N GLY A 2 6.35 -3.99 -9.52
CA GLY A 2 5.55 -4.30 -8.37
C GLY A 2 4.84 -3.08 -7.79
N LEU A 3 4.40 -3.24 -6.54
CA LEU A 3 3.57 -2.25 -5.89
C LEU A 3 4.25 -0.89 -5.88
N VAL A 4 3.48 0.17 -6.19
CA VAL A 4 3.92 1.56 -6.04
C VAL A 4 2.90 2.26 -5.15
N ALA A 5 3.36 2.84 -4.08
CA ALA A 5 2.49 3.55 -3.15
C ALA A 5 2.98 4.99 -2.94
N SER A 6 2.03 5.92 -2.86
CA SER A 6 2.33 7.33 -2.63
C SER A 6 1.43 7.87 -1.54
N ASN A 7 1.78 9.05 -1.06
CA ASN A 7 1.12 9.72 0.06
C ASN A 7 1.25 8.95 1.37
N LEU A 8 2.38 8.26 1.57
CA LEU A 8 2.51 7.40 2.75
C LEU A 8 2.57 8.22 4.02
N ASN A 9 3.16 9.43 3.95
CA ASN A 9 3.30 10.31 5.09
C ASN A 9 3.92 9.63 6.31
N LEU A 10 5.01 8.89 6.09
CA LEU A 10 5.75 8.26 7.18
C LEU A 10 6.65 9.31 7.83
N LYS A 11 6.40 9.63 9.09
CA LYS A 11 7.13 10.65 9.81
C LYS A 11 8.32 10.05 10.53
N PRO A 12 9.30 10.87 10.90
CA PRO A 12 10.45 10.34 11.64
C PRO A 12 10.03 9.55 12.86
N GLY A 13 10.68 8.40 13.05
CA GLY A 13 10.40 7.55 14.19
C GLY A 13 9.29 6.56 13.98
N GLU A 14 8.48 6.73 12.94
CA GLU A 14 7.38 5.80 12.64
C GLU A 14 7.91 4.62 11.82
N LEU A 16 7.64 1.59 9.12
CA LEU A 16 7.02 0.98 7.92
C LEU A 16 7.44 -0.50 7.90
N ARG A 17 6.46 -1.40 7.93
CA ARG A 17 6.72 -2.84 7.89
C ARG A 17 6.20 -3.38 6.57
N VAL A 18 7.02 -4.16 5.88
CA VAL A 18 6.69 -4.71 4.56
C VAL A 18 7.01 -6.21 4.61
N ARG A 19 5.98 -7.05 4.45
CA ARG A 19 6.18 -8.48 4.37
C ARG A 19 5.85 -9.01 2.98
N GLY A 20 6.69 -9.90 2.47
CA GLY A 20 6.47 -10.48 1.16
C GLY A 20 7.04 -11.87 1.01
N GLU A 21 6.72 -12.47 -0.13
CA GLU A 21 7.21 -13.79 -0.49
C GLU A 21 8.36 -13.69 -1.48
N VAL A 22 9.50 -14.30 -1.14
CA VAL A 22 10.66 -14.35 -2.02
C VAL A 22 10.52 -15.55 -2.95
N ALA A 23 10.61 -15.30 -4.26
CA ALA A 23 10.42 -16.36 -5.24
C ALA A 23 11.40 -17.52 -5.01
N PRO A 24 11.02 -18.74 -5.36
CA PRO A 24 11.92 -19.89 -5.10
C PRO A 24 13.22 -19.80 -5.89
N ASP A 25 13.18 -19.19 -7.08
CA ASP A 25 14.37 -18.96 -7.88
C ASP A 25 14.75 -17.48 -7.92
N ALA A 26 14.49 -16.75 -6.84
CA ALA A 26 14.77 -15.32 -6.77
C ALA A 26 16.21 -15.00 -7.12
N LYS A 27 16.39 -13.92 -7.90
CA LYS A 27 17.69 -13.37 -8.19
C LYS A 27 17.96 -12.07 -7.45
N SER A 28 16.94 -11.23 -7.28
N SER A 28 16.94 -11.24 -7.28
CA SER A 28 17.11 -9.91 -6.68
CA SER A 28 17.07 -9.98 -6.57
C SER A 28 15.74 -9.26 -6.51
C SER A 28 15.68 -9.39 -6.39
N PHE A 29 15.60 -8.40 -5.50
CA PHE A 29 14.42 -7.55 -5.38
C PHE A 29 14.85 -6.18 -4.87
N VAL A 30 13.93 -5.22 -5.00
CA VAL A 30 14.20 -3.84 -4.66
C VAL A 30 13.01 -3.28 -3.89
N LEU A 31 13.30 -2.54 -2.83
CA LEU A 31 12.34 -1.60 -2.25
C LEU A 31 12.97 -0.20 -2.33
N ASN A 32 12.27 0.72 -2.99
CA ASN A 32 12.70 2.10 -3.14
C ASN A 32 11.77 2.96 -2.29
N LEU A 33 12.34 3.79 -1.43
CA LEU A 33 11.61 4.68 -0.55
C LEU A 33 12.13 6.10 -0.72
N GLY A 34 11.22 7.06 -0.72
CA GLY A 34 11.60 8.45 -0.78
C GLY A 34 10.43 9.35 -1.05
N LYS A 35 10.67 10.34 -1.92
CA LYS A 35 9.64 11.29 -2.34
C LYS A 35 8.99 10.92 -3.66
N ASP A 36 9.77 10.42 -4.61
CA ASP A 36 9.31 10.05 -5.93
C ASP A 36 10.42 9.25 -6.57
N SER A 37 10.20 8.80 -7.81
CA SER A 37 11.14 7.90 -8.46
C SER A 37 12.52 8.52 -8.66
N ASN A 38 12.63 9.86 -8.62
CA ASN A 38 13.90 10.55 -8.80
C ASN A 38 14.58 10.92 -7.47
N ASN A 39 13.94 10.68 -6.34
CA ASN A 39 14.40 11.18 -5.04
C ASN A 39 14.12 10.09 -4.01
N LEU A 40 15.13 9.28 -3.76
CA LEU A 40 15.03 8.12 -2.91
C LEU A 40 15.98 8.28 -1.74
N CYS A 41 15.43 8.27 -0.53
CA CYS A 41 16.31 8.22 0.63
C CYS A 41 16.85 6.82 0.87
N LEU A 42 16.17 5.78 0.35
CA LEU A 42 16.70 4.42 0.46
C LEU A 42 16.29 3.62 -0.75
N HIS A 43 17.27 3.15 -1.49
CA HIS A 43 17.13 2.11 -2.50
C HIS A 43 17.75 0.88 -1.86
N PHE A 44 16.93 -0.12 -1.60
CA PHE A 44 17.30 -1.31 -0.81
C PHE A 44 17.19 -2.50 -1.74
N ASN A 45 18.31 -3.14 -2.05
CA ASN A 45 18.43 -4.10 -3.15
C ASN A 45 19.14 -5.37 -2.71
N PRO A 46 18.43 -6.31 -2.08
CA PRO A 46 19.01 -7.62 -1.83
C PRO A 46 19.26 -8.36 -3.13
N ARG A 47 20.51 -8.74 -3.37
CA ARG A 47 20.88 -9.55 -4.53
C ARG A 47 21.24 -10.95 -4.04
N PHE A 48 20.42 -11.93 -4.43
CA PHE A 48 20.76 -13.34 -4.22
C PHE A 48 21.84 -13.74 -5.21
N ASN A 49 21.64 -13.37 -6.48
CA ASN A 49 22.62 -13.66 -7.53
C ASN A 49 22.27 -12.73 -8.70
N ALA A 50 22.91 -11.56 -8.72
CA ALA A 50 22.62 -10.56 -9.73
C ALA A 50 23.79 -9.60 -9.83
N HIS A 51 24.15 -9.23 -11.05
CA HIS A 51 25.14 -8.20 -11.30
C HIS A 51 26.51 -8.57 -10.72
N GLY A 52 26.82 -9.86 -10.71
CA GLY A 52 28.05 -10.36 -10.14
C GLY A 52 28.04 -10.49 -8.63
N ASP A 53 27.00 -10.00 -7.95
CA ASP A 53 26.92 -10.09 -6.50
C ASP A 53 26.15 -11.33 -6.08
N ALA A 54 26.60 -11.94 -4.97
CA ALA A 54 25.94 -13.10 -4.38
C ALA A 54 25.59 -12.78 -2.94
N ASN A 55 24.32 -13.00 -2.56
CA ASN A 55 23.85 -12.83 -1.21
C ASN A 55 24.40 -11.56 -0.57
N THR A 56 24.17 -10.42 -1.24
CA THR A 56 24.63 -9.12 -0.78
C THR A 56 23.49 -8.12 -0.88
N ILE A 57 23.25 -7.37 0.18
CA ILE A 57 22.35 -6.22 0.17
C ILE A 57 23.12 -4.99 -0.29
N VAL A 58 22.70 -4.44 -1.42
CA VAL A 58 23.21 -3.18 -1.95
C VAL A 58 22.22 -2.10 -1.61
N CYS A 59 22.71 -0.98 -1.05
CA CYS A 59 21.86 0.17 -0.74
C CYS A 59 22.44 1.42 -1.39
N ASN A 60 21.56 2.37 -1.70
CA ASN A 60 21.98 3.66 -2.22
C ASN A 60 20.86 4.68 -2.00
N SER A 61 21.18 5.92 -2.31
CA SER A 61 20.23 7.00 -2.37
C SER A 61 20.20 7.52 -3.80
N LYS A 62 19.18 8.32 -4.11
CA LYS A 62 19.06 9.00 -5.39
C LYS A 62 18.53 10.38 -5.12
N ASP A 63 19.24 11.40 -5.61
CA ASP A 63 18.89 12.79 -5.29
C ASP A 63 18.78 13.54 -6.60
N GLY A 64 17.57 13.99 -6.92
CA GLY A 64 17.38 14.69 -8.18
C GLY A 64 17.87 13.90 -9.36
N GLY A 65 17.61 12.59 -9.36
CA GLY A 65 18.00 11.73 -10.43
C GLY A 65 19.39 11.16 -10.33
N ALA A 66 20.22 11.64 -9.40
CA ALA A 66 21.62 11.24 -9.32
C ALA A 66 21.79 10.18 -8.26
N TRP A 67 22.29 9.02 -8.66
CA TRP A 67 22.61 7.99 -7.66
C TRP A 67 23.77 8.44 -6.78
N GLY A 68 23.67 8.13 -5.50
CA GLY A 68 24.73 8.38 -4.55
C GLY A 68 25.79 7.29 -4.58
N THR A 69 26.60 7.25 -3.51
CA THR A 69 27.65 6.26 -3.38
C THR A 69 27.06 4.99 -2.78
N GLU A 70 27.10 3.89 -3.53
CA GLU A 70 26.52 2.64 -3.07
C GLU A 70 27.23 2.18 -1.79
N GLN A 71 26.44 1.51 -0.93
CA GLN A 71 26.98 0.83 0.24
C GLN A 71 26.51 -0.61 0.18
N ARG A 72 27.30 -1.50 0.72
N ARG A 72 27.32 -1.51 0.69
CA ARG A 72 26.99 -2.92 0.78
CA ARG A 72 26.98 -2.94 0.76
C ARG A 72 26.99 -3.36 2.24
C ARG A 72 26.99 -3.36 2.22
N GLU A 73 25.91 -4.02 2.66
CA GLU A 73 25.76 -4.36 4.05
C GLU A 73 26.38 -5.73 4.35
N ALA A 74 26.51 -5.99 5.64
CA ALA A 74 27.31 -7.13 6.09
C ALA A 74 26.53 -8.45 6.08
N VAL A 75 25.22 -8.42 6.27
CA VAL A 75 24.46 -9.63 6.54
C VAL A 75 23.45 -9.82 5.42
N PHE A 76 23.02 -11.07 5.26
CA PHE A 76 22.06 -11.43 4.22
C PHE A 76 21.10 -12.49 4.74
N PRO A 77 20.11 -12.10 5.54
CA PRO A 77 19.17 -13.05 6.14
C PRO A 77 17.93 -13.21 5.29
N PHE A 78 18.13 -13.51 4.03
CA PHE A 78 17.03 -13.82 3.13
C PHE A 78 17.28 -15.17 2.49
N GLN A 79 16.21 -15.91 2.26
CA GLN A 79 16.30 -17.20 1.59
C GLN A 79 15.30 -17.24 0.45
N PRO A 80 15.69 -17.75 -0.72
CA PRO A 80 14.70 -17.99 -1.76
C PRO A 80 13.64 -18.96 -1.28
N GLY A 81 12.41 -18.71 -1.72
CA GLY A 81 11.26 -19.55 -1.39
C GLY A 81 10.84 -19.43 0.06
N SER A 82 10.79 -18.21 0.58
CA SER A 82 10.40 -18.01 1.98
C SER A 82 9.61 -16.71 2.09
N VAL A 83 9.08 -16.48 3.26
CA VAL A 83 8.44 -15.20 3.59
C VAL A 83 9.44 -14.36 4.38
N ALA A 84 9.50 -13.06 4.07
CA ALA A 84 10.45 -12.17 4.70
C ALA A 84 9.79 -10.84 4.97
N GLU A 85 10.11 -10.25 6.13
N GLU A 85 10.12 -10.25 6.12
CA GLU A 85 9.64 -8.92 6.50
CA GLU A 85 9.60 -8.95 6.54
C GLU A 85 10.82 -7.99 6.69
C GLU A 85 10.76 -8.00 6.81
N VAL A 86 10.67 -6.75 6.22
N VAL A 86 10.65 -6.78 6.30
CA VAL A 86 11.60 -5.69 6.50
CA VAL A 86 11.62 -5.72 6.57
C VAL A 86 10.82 -4.65 7.35
C VAL A 86 10.91 -4.50 7.17
N ILE A 88 11.34 -0.46 8.49
CA ILE A 88 12.15 0.74 8.24
C ILE A 88 11.66 1.92 9.03
N THR A 89 12.60 2.65 9.65
N THR A 89 12.61 2.63 9.65
CA THR A 89 12.31 3.92 10.30
CA THR A 89 12.35 3.90 10.32
C THR A 89 13.48 4.85 10.04
C THR A 89 13.43 4.87 9.88
N PHE A 90 13.24 6.14 10.22
CA PHE A 90 14.26 7.14 9.92
C PHE A 90 14.21 8.27 10.92
N ASP A 91 15.38 8.91 11.10
CA ASP A 91 15.47 10.21 11.74
C ASP A 91 16.34 11.08 10.83
N GLN A 92 16.71 12.28 11.27
CA GLN A 92 17.47 13.17 10.40
C GLN A 92 18.80 12.55 9.98
N ALA A 93 19.39 11.72 10.84
CA ALA A 93 20.73 11.21 10.60
C ALA A 93 20.76 9.94 9.78
N ASN A 94 19.84 9.00 10.03
CA ASN A 94 19.95 7.67 9.43
C ASN A 94 18.59 7.06 9.22
N LEU A 95 18.51 6.20 8.21
CA LEU A 95 17.46 5.17 8.18
C LEU A 95 17.95 3.93 8.90
N THR A 96 17.05 3.29 9.65
CA THR A 96 17.34 2.02 10.32
C THR A 96 16.50 0.95 9.64
N VAL A 97 17.17 -0.06 9.12
CA VAL A 97 16.51 -1.16 8.43
C VAL A 97 16.64 -2.41 9.30
N LYS A 98 15.52 -2.97 9.71
CA LYS A 98 15.45 -4.17 10.50
C LYS A 98 15.04 -5.31 9.58
N LEU A 99 15.81 -6.39 9.62
CA LEU A 99 15.72 -7.51 8.69
C LEU A 99 15.21 -8.74 9.41
N PRO A 100 14.92 -9.81 8.67
CA PRO A 100 14.66 -11.10 9.31
C PRO A 100 15.80 -11.52 10.22
N ASP A 101 15.47 -12.42 11.14
CA ASP A 101 16.44 -13.01 12.05
C ASP A 101 17.14 -11.98 12.91
N GLY A 102 16.47 -10.86 13.16
CA GLY A 102 16.93 -9.88 14.12
C GLY A 102 18.04 -8.96 13.66
N TYR A 103 18.52 -9.10 12.43
CA TYR A 103 19.61 -8.24 11.97
C TYR A 103 19.10 -6.84 11.65
N GLU A 104 19.95 -5.84 11.87
CA GLU A 104 19.61 -4.49 11.49
C GLU A 104 20.86 -3.73 11.07
N PHE A 105 20.64 -2.71 10.24
CA PHE A 105 21.74 -1.84 9.85
C PHE A 105 21.19 -0.44 9.67
N LYS A 106 22.10 0.53 9.68
CA LYS A 106 21.76 1.92 9.41
C LYS A 106 22.35 2.32 8.06
N PHE A 107 21.65 3.21 7.40
CA PHE A 107 22.08 3.79 6.14
C PHE A 107 21.92 5.31 6.29
N PRO A 108 22.93 6.09 5.92
CA PRO A 108 22.84 7.56 6.16
C PRO A 108 21.65 8.14 5.41
N ASN A 109 20.99 9.09 6.04
CA ASN A 109 19.91 9.84 5.42
C ASN A 109 20.53 11.02 4.68
N ARG A 110 20.67 10.88 3.37
CA ARG A 110 21.39 11.85 2.54
C ARG A 110 20.47 12.90 1.96
N LEU A 111 19.17 12.72 2.07
CA LEU A 111 18.18 13.69 1.58
C LEU A 111 17.63 14.45 2.78
N ASN A 112 16.85 15.48 2.49
CA ASN A 112 16.26 16.22 3.62
C ASN A 112 14.75 16.14 3.62
N LEU A 113 14.22 14.92 3.51
CA LEU A 113 12.78 14.76 3.39
C LEU A 113 12.12 14.87 4.77
N GLU A 114 11.03 15.65 4.84
CA GLU A 114 10.29 15.76 6.09
C GLU A 114 9.52 14.47 6.40
N ALA A 115 9.13 13.74 5.36
CA ALA A 115 8.39 12.48 5.52
C ALA A 115 8.75 11.61 4.32
N ILE A 116 8.59 10.29 4.48
CA ILE A 116 8.71 9.36 3.37
C ILE A 116 7.32 9.19 2.83
N ASN A 117 7.12 9.58 1.57
CA ASN A 117 5.82 9.56 0.95
C ASN A 117 5.66 8.55 -0.17
N TYR A 118 6.74 7.92 -0.62
CA TYR A 118 6.74 7.10 -1.83
C TYR A 118 7.45 5.78 -1.52
N MET A 119 6.85 4.67 -1.94
CA MET A 119 7.51 3.38 -1.97
C MET A 119 7.22 2.71 -3.30
N ALA A 120 8.23 2.05 -3.85
CA ALA A 120 8.07 1.23 -5.04
C ALA A 120 8.83 -0.08 -4.84
N ALA A 121 8.21 -1.18 -5.21
CA ALA A 121 8.80 -2.52 -5.10
C ALA A 121 8.99 -3.08 -6.48
N ASP A 122 10.07 -3.83 -6.67
CA ASP A 122 10.38 -4.43 -7.94
C ASP A 122 11.09 -5.76 -7.67
N GLY A 123 11.06 -6.64 -8.67
CA GLY A 123 11.85 -7.86 -8.61
C GLY A 123 11.14 -9.02 -7.96
N ASP A 124 11.93 -9.94 -7.39
CA ASP A 124 11.40 -11.26 -7.06
C ASP A 124 10.87 -11.34 -5.63
N PHE A 125 9.95 -10.42 -5.31
CA PHE A 125 9.40 -10.28 -3.96
C PHE A 125 7.94 -9.85 -4.11
N LYS A 126 7.02 -10.73 -3.69
CA LYS A 126 5.58 -10.49 -3.78
C LYS A 126 5.10 -9.93 -2.44
N ILE A 127 4.69 -8.68 -2.43
CA ILE A 127 4.28 -8.03 -1.19
C ILE A 127 2.93 -8.60 -0.75
N LYS A 128 2.86 -8.99 0.52
CA LYS A 128 1.66 -9.56 1.11
C LYS A 128 1.01 -8.62 2.13
N VAL A 130 1.56 -4.55 4.17
CA VAL A 130 2.26 -3.32 4.51
C VAL A 130 1.59 -2.73 5.74
N ALA A 131 2.36 -2.35 6.76
CA ALA A 131 1.83 -1.76 7.97
C ALA A 131 2.52 -0.44 8.26
N PHE A 132 1.73 0.53 8.72
CA PHE A 132 2.18 1.91 8.99
C PHE A 132 2.01 2.15 10.49
N ASP A 133 2.91 1.59 11.31
CA ASP A 133 2.88 1.79 12.76
C ASP A 133 3.96 0.96 13.44
N CYS B 1 -5.78 13.94 1.76
CA CYS B 1 -5.57 13.00 0.66
C CYS B 1 -4.66 11.85 1.12
N GLY B 2 -5.17 10.64 1.02
CA GLY B 2 -4.57 9.50 1.64
C GLY B 2 -3.79 8.64 0.69
N LEU B 3 -3.49 7.43 1.16
CA LEU B 3 -2.66 6.50 0.42
C LEU B 3 -3.20 6.25 -0.98
N VAL B 4 -2.29 6.25 -1.95
CA VAL B 4 -2.59 5.82 -3.31
C VAL B 4 -1.66 4.68 -3.65
N ALA B 5 -2.19 3.58 -4.17
CA ALA B 5 -1.37 2.45 -4.53
C ALA B 5 -1.76 1.91 -5.89
N SER B 6 -0.76 1.50 -6.66
N SER B 6 -0.77 1.50 -6.66
CA SER B 6 -0.93 0.98 -8.00
CA SER B 6 -0.97 0.96 -7.99
C SER B 6 -0.14 -0.32 -8.14
C SER B 6 -0.13 -0.30 -8.16
N ASN B 7 -0.39 -1.00 -9.25
CA ASN B 7 0.20 -2.31 -9.51
C ASN B 7 -0.17 -3.33 -8.43
N LEU B 8 -1.41 -3.24 -7.92
CA LEU B 8 -1.84 -4.17 -6.86
C LEU B 8 -1.91 -5.60 -7.37
N ASN B 9 -2.34 -5.79 -8.63
CA ASN B 9 -2.43 -7.13 -9.23
C ASN B 9 -3.37 -8.05 -8.43
N LEU B 10 -4.46 -7.50 -7.93
CA LEU B 10 -5.45 -8.30 -7.21
C LEU B 10 -6.34 -9.03 -8.20
N LYS B 11 -6.51 -10.34 -7.98
CA LYS B 11 -7.28 -11.18 -8.89
C LYS B 11 -8.58 -11.63 -8.24
N PRO B 12 -9.53 -12.13 -9.03
CA PRO B 12 -10.82 -12.52 -8.49
C PRO B 12 -10.71 -13.49 -7.34
N GLY B 13 -11.51 -13.25 -6.30
CA GLY B 13 -11.54 -14.09 -5.13
C GLY B 13 -10.46 -13.78 -4.12
N GLU B 14 -9.48 -12.96 -4.47
CA GLU B 14 -8.39 -12.63 -3.54
C GLU B 14 -8.86 -11.51 -2.64
N LEU B 16 -8.54 -8.26 -0.28
CA LEU B 16 -7.83 -7.02 0.08
C LEU B 16 -8.36 -6.54 1.42
N ARG B 17 -7.52 -6.53 2.44
CA ARG B 17 -7.91 -6.17 3.79
C ARG B 17 -7.28 -4.84 4.16
N VAL B 18 -8.10 -3.90 4.59
CA VAL B 18 -7.67 -2.53 4.88
C VAL B 18 -8.11 -2.18 6.29
N ARG B 19 -7.16 -1.94 7.19
CA ARG B 19 -7.46 -1.51 8.54
C ARG B 19 -6.97 -0.09 8.75
N GLY B 20 -7.79 0.71 9.41
CA GLY B 20 -7.43 2.11 9.64
C GLY B 20 -8.13 2.68 10.85
N GLU B 21 -7.86 3.95 11.09
CA GLU B 21 -8.44 4.68 12.21
C GLU B 21 -9.45 5.67 11.66
N VAL B 22 -10.70 5.56 12.09
CA VAL B 22 -11.74 6.53 11.77
C VAL B 22 -11.52 7.74 12.67
N ALA B 23 -11.37 8.92 12.07
CA ALA B 23 -11.07 10.12 12.84
C ALA B 23 -12.17 10.43 13.87
N PRO B 24 -11.80 11.02 15.01
CA PRO B 24 -12.83 11.38 16.01
C PRO B 24 -13.90 12.34 15.49
N ASP B 25 -13.56 13.18 14.52
N ASP B 25 -13.56 13.20 14.52
CA ASP B 25 -14.51 14.13 13.95
CA ASP B 25 -14.52 14.12 13.95
C ASP B 25 -15.04 13.66 12.60
C ASP B 25 -15.01 13.67 12.58
N ALA B 26 -14.95 12.36 12.30
CA ALA B 26 -15.21 11.86 10.96
C ALA B 26 -16.57 12.30 10.45
N LYS B 27 -16.56 12.83 9.23
CA LYS B 27 -17.77 13.12 8.47
C LYS B 27 -17.94 12.20 7.28
N SER B 28 -16.84 11.73 6.69
CA SER B 28 -16.87 10.97 5.44
C SER B 28 -15.49 10.35 5.26
N PHE B 29 -15.43 9.14 4.68
CA PHE B 29 -14.19 8.66 4.09
C PHE B 29 -14.49 7.89 2.82
N VAL B 30 -13.43 7.65 2.04
CA VAL B 30 -13.54 7.03 0.72
C VAL B 30 -12.43 6.01 0.56
N LEU B 31 -12.78 4.86 0.00
CA LEU B 31 -11.82 3.96 -0.63
C LEU B 31 -12.26 3.78 -2.07
N ASN B 32 -11.34 4.09 -3.01
CA ASN B 32 -11.54 3.87 -4.42
C ASN B 32 -10.69 2.69 -4.89
N LEU B 33 -11.29 1.78 -5.65
N LEU B 33 -11.31 1.77 -5.63
CA LEU B 33 -10.61 0.61 -6.21
CA LEU B 33 -10.61 0.63 -6.21
C LEU B 33 -10.95 0.50 -7.68
C LEU B 33 -10.95 0.55 -7.69
N GLY B 34 -9.97 0.12 -8.48
CA GLY B 34 -10.24 -0.15 -9.88
C GLY B 34 -9.00 -0.41 -10.68
N LYS B 35 -9.07 -0.04 -11.96
CA LYS B 35 -7.93 -0.21 -12.86
CA LYS B 35 -7.94 -0.21 -12.87
C LYS B 35 -6.95 0.94 -12.71
N ASP B 36 -7.48 2.14 -12.53
CA ASP B 36 -6.71 3.39 -12.40
C ASP B 36 -7.68 4.45 -11.90
N SER B 37 -7.19 5.68 -11.75
CA SER B 37 -8.02 6.70 -11.11
C SER B 37 -9.24 7.11 -11.95
N ASN B 38 -9.27 6.75 -13.23
CA ASN B 38 -10.39 7.08 -14.09
C ASN B 38 -11.37 5.92 -14.30
N ASN B 39 -11.08 4.74 -13.75
CA ASN B 39 -11.80 3.52 -14.02
C ASN B 39 -11.89 2.78 -12.69
N LEU B 40 -12.97 3.08 -11.95
CA LEU B 40 -13.18 2.60 -10.60
C LEU B 40 -14.31 1.60 -10.61
N CYS B 41 -14.04 0.37 -10.25
CA CYS B 41 -15.14 -0.57 -10.01
C CYS B 41 -15.78 -0.38 -8.65
N LEU B 42 -15.12 0.27 -7.72
CA LEU B 42 -15.73 0.57 -6.43
C LEU B 42 -15.26 1.93 -5.92
N HIS B 43 -16.17 2.86 -5.80
CA HIS B 43 -16.02 4.07 -4.98
C HIS B 43 -16.87 3.83 -3.74
N PHE B 44 -16.23 3.59 -2.61
CA PHE B 44 -16.86 3.20 -1.35
C PHE B 44 -16.78 4.37 -0.38
N ASN B 45 -17.95 4.95 -0.05
CA ASN B 45 -18.02 6.22 0.66
C ASN B 45 -18.96 6.17 1.85
N PRO B 46 -18.47 5.70 3.01
CA PRO B 46 -19.23 5.87 4.26
C PRO B 46 -19.35 7.34 4.62
N ARG B 47 -20.60 7.79 4.78
CA ARG B 47 -20.92 9.16 5.16
C ARG B 47 -21.49 9.14 6.56
N PHE B 48 -20.72 9.63 7.52
CA PHE B 48 -21.26 9.81 8.87
C PHE B 48 -22.23 11.00 8.88
N ASN B 49 -21.79 12.13 8.36
CA ASN B 49 -22.64 13.31 8.21
C ASN B 49 -22.04 14.14 7.08
N ALA B 50 -22.53 13.92 5.86
CA ALA B 50 -21.94 14.54 4.69
C ALA B 50 -22.92 14.52 3.54
N HIS B 51 -22.97 15.64 2.81
CA HIS B 51 -23.80 15.76 1.60
C HIS B 51 -25.27 15.42 1.88
N GLY B 52 -25.73 15.72 3.09
CA GLY B 52 -27.10 15.49 3.47
C GLY B 52 -27.41 14.10 3.95
N ASP B 53 -26.43 13.21 3.93
CA ASP B 53 -26.60 11.83 4.39
C ASP B 53 -26.07 11.70 5.81
N ALA B 54 -26.75 10.89 6.61
CA ALA B 54 -26.30 10.51 7.94
C ALA B 54 -26.17 9.00 8.00
N ASN B 55 -25.02 8.54 8.47
CA ASN B 55 -24.72 7.12 8.70
C ASN B 55 -25.21 6.26 7.52
N THR B 56 -24.73 6.62 6.33
CA THR B 56 -25.08 5.91 5.10
C THR B 56 -23.84 5.66 4.27
N ILE B 57 -23.67 4.44 3.81
CA ILE B 57 -22.65 4.10 2.82
C ILE B 57 -23.21 4.33 1.43
N VAL B 58 -22.51 5.10 0.64
CA VAL B 58 -22.81 5.31 -0.77
C VAL B 58 -21.71 4.70 -1.60
N CYS B 59 -22.08 3.94 -2.60
CA CYS B 59 -21.13 3.36 -3.55
C CYS B 59 -21.38 3.87 -4.96
N ASN B 60 -20.32 3.85 -5.78
CA ASN B 60 -20.48 4.21 -7.19
C ASN B 60 -19.35 3.56 -7.97
N SER B 61 -19.42 3.71 -9.30
CA SER B 61 -18.40 3.33 -10.25
C SER B 61 -18.00 4.56 -11.01
N LYS B 62 -16.87 4.45 -11.70
CA LYS B 62 -16.39 5.48 -12.62
C LYS B 62 -15.80 4.76 -13.82
N ASP B 63 -16.27 5.10 -15.01
CA ASP B 63 -15.91 4.39 -16.24
C ASP B 63 -15.40 5.40 -17.25
N GLY B 64 -14.10 5.34 -17.56
CA GLY B 64 -13.58 6.29 -18.52
C GLY B 64 -13.81 7.73 -18.10
N GLY B 65 -13.69 8.00 -16.79
CA GLY B 65 -13.86 9.31 -16.23
C GLY B 65 -15.29 9.70 -15.86
N ALA B 66 -16.28 8.91 -16.24
CA ALA B 66 -17.69 9.25 -16.02
C ALA B 66 -18.23 8.49 -14.82
N TRP B 67 -18.77 9.21 -13.83
CA TRP B 67 -19.38 8.58 -12.68
C TRP B 67 -20.65 7.88 -13.09
N GLY B 68 -20.87 6.73 -12.46
CA GLY B 68 -22.14 6.03 -12.61
C GLY B 68 -23.21 6.56 -11.68
N THR B 69 -24.24 5.75 -11.49
CA THR B 69 -25.32 6.13 -10.58
C THR B 69 -25.00 5.64 -9.17
N GLU B 70 -25.13 6.55 -8.19
CA GLU B 70 -24.86 6.20 -6.81
C GLU B 70 -25.85 5.14 -6.30
N GLN B 71 -25.34 4.24 -5.48
CA GLN B 71 -26.12 3.18 -4.83
C GLN B 71 -25.95 3.34 -3.33
N ARG B 72 -27.07 3.42 -2.63
N ARG B 72 -27.08 3.43 -2.65
CA ARG B 72 -27.03 3.52 -1.18
CA ARG B 72 -27.09 3.50 -1.20
C ARG B 72 -27.18 2.14 -0.55
C ARG B 72 -27.06 2.08 -0.62
N GLU B 73 -26.52 1.95 0.58
CA GLU B 73 -26.50 0.69 1.30
C GLU B 73 -27.37 0.81 2.55
N ALA B 74 -27.62 -0.34 3.18
CA ALA B 74 -28.61 -0.42 4.26
C ALA B 74 -28.00 -0.53 5.64
N VAL B 75 -26.68 -0.69 5.76
CA VAL B 75 -26.04 -0.91 7.04
C VAL B 75 -24.88 0.05 7.20
N PHE B 76 -24.56 0.36 8.47
CA PHE B 76 -23.51 1.34 8.79
C PHE B 76 -22.82 1.00 10.10
N PRO B 77 -21.91 0.05 10.09
CA PRO B 77 -21.22 -0.36 11.30
C PRO B 77 -19.89 0.36 11.53
N PHE B 78 -19.91 1.67 11.43
CA PHE B 78 -18.76 2.50 11.70
C PHE B 78 -19.08 3.51 12.79
N GLN B 79 -18.07 3.86 13.59
CA GLN B 79 -18.15 4.87 14.62
C GLN B 79 -16.98 5.84 14.48
N PRO B 80 -17.19 7.14 14.66
CA PRO B 80 -16.06 8.06 14.70
C PRO B 80 -15.11 7.71 15.84
N GLY B 81 -13.82 7.99 15.62
CA GLY B 81 -12.80 7.77 16.63
C GLY B 81 -12.64 6.31 17.02
N SER B 82 -12.54 5.42 16.03
CA SER B 82 -12.44 3.99 16.30
C SER B 82 -11.55 3.39 15.21
N VAL B 83 -11.09 2.17 15.47
CA VAL B 83 -10.43 1.37 14.44
C VAL B 83 -11.47 0.57 13.68
N ALA B 84 -11.31 0.51 12.36
CA ALA B 84 -12.21 -0.25 11.51
C ALA B 84 -11.41 -0.93 10.42
N GLU B 85 -11.84 -2.14 10.10
CA GLU B 85 -11.28 -2.91 9.01
C GLU B 85 -12.37 -3.23 8.00
N VAL B 86 -12.02 -3.15 6.73
CA VAL B 86 -12.89 -3.54 5.63
C VAL B 86 -12.14 -4.63 4.86
N ILE B 88 -12.32 -6.60 1.12
CA ILE B 88 -12.93 -6.58 -0.19
C ILE B 88 -12.44 -7.65 -1.11
N THR B 89 -13.37 -8.36 -1.73
CA THR B 89 -13.08 -9.29 -2.82
CA THR B 89 -13.09 -9.29 -2.82
C THR B 89 -13.98 -8.95 -3.99
N PHE B 90 -13.69 -9.55 -5.13
CA PHE B 90 -14.48 -9.28 -6.31
C PHE B 90 -14.44 -10.46 -7.26
N ASP B 91 -15.40 -10.46 -8.16
CA ASP B 91 -15.40 -11.23 -9.38
C ASP B 91 -15.97 -10.31 -10.45
N GLN B 92 -16.07 -10.80 -11.68
CA GLN B 92 -16.50 -9.94 -12.78
C GLN B 92 -17.94 -9.47 -12.64
N ALA B 93 -18.73 -10.15 -11.80
CA ALA B 93 -20.12 -9.77 -11.59
C ALA B 93 -20.32 -8.83 -10.40
N ASN B 94 -19.63 -9.07 -9.29
CA ASN B 94 -19.87 -8.28 -8.07
C ASN B 94 -18.60 -8.06 -7.29
N LEU B 95 -18.59 -6.96 -6.56
CA LEU B 95 -17.66 -6.79 -5.45
C LEU B 95 -18.38 -7.15 -4.17
N THR B 96 -17.67 -7.81 -3.26
CA THR B 96 -18.21 -8.14 -1.95
C THR B 96 -17.40 -7.35 -0.93
N VAL B 97 -18.06 -6.51 -0.15
CA VAL B 97 -17.45 -5.66 0.84
C VAL B 97 -17.86 -6.18 2.21
N LYS B 98 -16.89 -6.72 2.95
CA LYS B 98 -17.14 -7.19 4.31
C LYS B 98 -16.72 -6.07 5.27
N LEU B 99 -17.59 -5.82 6.23
CA LEU B 99 -17.52 -4.66 7.11
C LEU B 99 -17.37 -5.13 8.55
N PRO B 100 -17.11 -4.22 9.49
CA PRO B 100 -17.13 -4.59 10.90
C PRO B 100 -18.45 -5.21 11.34
N ASP B 101 -18.34 -6.03 12.39
CA ASP B 101 -19.51 -6.57 13.10
C ASP B 101 -20.32 -7.56 12.28
N GLY B 102 -19.72 -8.17 11.27
CA GLY B 102 -20.34 -9.18 10.48
C GLY B 102 -21.19 -8.70 9.35
N TYR B 103 -21.26 -7.40 9.13
CA TYR B 103 -22.04 -6.86 8.01
C TYR B 103 -21.31 -7.03 6.69
N GLU B 104 -22.07 -7.14 5.62
CA GLU B 104 -21.49 -7.20 4.29
C GLU B 104 -22.52 -6.81 3.25
N PHE B 105 -22.05 -6.42 2.09
CA PHE B 105 -22.94 -6.21 0.95
C PHE B 105 -22.19 -6.48 -0.34
N LYS B 106 -22.96 -6.66 -1.40
CA LYS B 106 -22.45 -6.80 -2.75
C LYS B 106 -22.80 -5.54 -3.54
N PHE B 107 -21.90 -5.16 -4.43
CA PHE B 107 -22.09 -4.04 -5.33
C PHE B 107 -21.74 -4.56 -6.72
N PRO B 108 -22.61 -4.40 -7.71
CA PRO B 108 -22.27 -4.91 -9.05
C PRO B 108 -20.99 -4.31 -9.59
N ASN B 109 -20.20 -5.16 -10.24
CA ASN B 109 -18.97 -4.78 -10.92
C ASN B 109 -19.33 -4.26 -12.29
N ARG B 110 -19.61 -2.96 -12.37
CA ARG B 110 -20.17 -2.40 -13.59
C ARG B 110 -19.19 -2.34 -14.72
N LEU B 111 -17.88 -2.40 -14.42
N LEU B 111 -17.89 -2.39 -14.42
CA LEU B 111 -16.85 -2.43 -15.42
CA LEU B 111 -16.86 -2.44 -15.45
C LEU B 111 -16.47 -3.86 -15.84
C LEU B 111 -16.51 -3.86 -15.87
N ASN B 112 -17.05 -4.86 -15.17
CA ASN B 112 -16.67 -6.26 -15.38
C ASN B 112 -15.16 -6.46 -15.29
N LEU B 113 -14.51 -5.74 -14.38
CA LEU B 113 -13.05 -5.83 -14.26
C LEU B 113 -12.64 -7.21 -13.75
N GLU B 114 -11.58 -7.77 -14.34
CA GLU B 114 -11.01 -9.06 -13.96
C GLU B 114 -9.77 -8.91 -13.08
N ALA B 115 -9.31 -7.69 -12.86
CA ALA B 115 -8.17 -7.42 -12.00
C ALA B 115 -8.35 -6.05 -11.39
N ILE B 116 -7.94 -5.90 -10.13
CA ILE B 116 -7.92 -4.58 -9.48
C ILE B 116 -6.47 -4.19 -9.27
N ASN B 117 -6.08 -3.08 -9.85
CA ASN B 117 -4.69 -2.63 -9.79
C ASN B 117 -4.46 -1.33 -9.06
N TYR B 118 -5.53 -0.65 -8.67
CA TYR B 118 -5.44 0.70 -8.11
C TYR B 118 -6.31 0.79 -6.88
N MET B 119 -5.79 1.45 -5.85
CA MET B 119 -6.53 1.81 -4.66
C MET B 119 -6.13 3.20 -4.23
N ALA B 120 -7.09 3.95 -3.73
CA ALA B 120 -6.84 5.25 -3.16
C ALA B 120 -7.79 5.48 -2.01
N ALA B 121 -7.29 6.07 -0.95
CA ALA B 121 -8.11 6.42 0.21
C ALA B 121 -8.10 7.94 0.38
N ASP B 122 -9.22 8.46 0.88
CA ASP B 122 -9.39 9.89 1.10
C ASP B 122 -10.34 10.08 2.28
N GLY B 123 -10.29 11.26 2.87
CA GLY B 123 -11.23 11.57 3.92
C GLY B 123 -10.73 11.15 5.29
N ASP B 124 -11.69 10.94 6.19
CA ASP B 124 -11.43 10.85 7.61
C ASP B 124 -11.05 9.44 8.05
N PHE B 125 -10.09 8.83 7.35
CA PHE B 125 -9.70 7.44 7.57
C PHE B 125 -8.19 7.31 7.36
N LYS B 126 -7.46 7.00 8.43
CA LYS B 126 -6.00 6.87 8.37
C LYS B 126 -5.66 5.39 8.27
N ILE B 127 -5.12 4.97 7.12
CA ILE B 127 -4.78 3.57 6.92
C ILE B 127 -3.60 3.16 7.80
N LYS B 128 -3.75 2.03 8.47
CA LYS B 128 -2.69 1.48 9.30
C LYS B 128 -2.11 0.18 8.75
N VAL B 130 -2.50 -2.67 5.22
N VAL B 130 -2.52 -2.72 5.23
CA VAL B 130 -3.11 -3.25 4.03
CA VAL B 130 -3.17 -3.25 4.03
C VAL B 130 -2.50 -4.65 3.84
C VAL B 130 -2.53 -4.60 3.64
N ALA B 131 -3.36 -5.63 3.61
CA ALA B 131 -2.93 -6.98 3.32
C ALA B 131 -3.58 -7.48 2.04
N PHE B 132 -2.87 -8.33 1.31
CA PHE B 132 -3.32 -8.81 0.01
C PHE B 132 -3.71 -10.28 0.01
N ASP B 133 -3.70 -10.94 1.16
CA ASP B 133 -4.06 -12.35 1.22
C ASP B 133 -4.32 -12.77 2.67
#